data_8TOQ
#
_entry.id   8TOQ
#
_cell.length_a   180.281
_cell.length_b   180.281
_cell.length_c   71.646
_cell.angle_alpha   90.000
_cell.angle_beta   90.000
_cell.angle_gamma   120.000
#
_symmetry.space_group_name_H-M   'H 3'
#
loop_
_entity.id
_entity.type
_entity.pdbx_description
1 polymer 'Angiotensin-converting enzyme 2'
2 polymer 'Peptide 1'
3 non-polymer 2-acetamido-2-deoxy-beta-D-glucopyranose
4 non-polymer 'ZINC ION'
5 non-polymer 'CHLORIDE ION'
6 water water
#
loop_
_entity_poly.entity_id
_entity_poly.type
_entity_poly.pdbx_seq_one_letter_code
_entity_poly.pdbx_strand_id
1 'polypeptide(L)'
;QSTIEEQAKTFLDKFNHEAEDLFYQSSLASWNYNTNITEENVQNMNNAGDKWSAFLKEQSTLAQMYPLQEIQNLTVKLQL
QALQQNGSSVLSEDKSKRLNTILNTMSTIYSTGKVCNPDNPQECLLLEPGLNEIMANSLDYNERLWAWESWRSEVGKQLR
PLYEEYVVLKNEMARANHYEDYGDYWRGDYEVNGVDGYDYSRGQLIEDVEHTFEEIKPLYEHLHAYVRAKLMNAYPSYIS
PIGCLPAHLLGDMWGRFWTNLYSLTVPFGQKPNIDVTDAMVDQAWDAQRIFKEAEKFFVSVGLPNMTQGFWENSMLTDPG
NVQKAVCHPTAWDLGKGDFRILMCTKVTMDDFLTAHHEMGHIQYDMAYAAQPFLLRNGANEGFHEAVGEIMSLSAATPKH
LKSIGLLSPDFQEDNETEINFLLKQALTIVGTLPFTYMLEKWRWMVFKGEIPKDQWMKKWWEMKREIVGVVEPVPHDETY
CDPASLFHVSNDYSFIRYYTRTLYQFQFQEALCQAAKHEGPLHKCDISNSTEAGQKLFNMLRLGKSEPWTLALENVVGAK
NMNVRPLLNYFEPLFTWLKDQNKNSFVGWSTDWSPYAGSHHHHHHHHHHSGLNDIFEAQKIEWHE
;
A
2 'polypeptide(L)' (ACE)YVFRSLRTPFIVC(NH2) E
#
loop_
_chem_comp.id
_chem_comp.type
_chem_comp.name
_chem_comp.formula
ACE non-polymer 'ACETYL GROUP' 'C2 H4 O'
CL non-polymer 'CHLORIDE ION' 'Cl -1'
NAG D-saccharide, beta linking 2-acetamido-2-deoxy-beta-D-glucopyranose 'C8 H15 N O6'
NH2 non-polymer 'AMINO GROUP' 'H2 N'
ZN non-polymer 'ZINC ION' 'Zn 2'
#
# COMPACT_ATOMS: atom_id res chain seq x y z
N GLN A 1 26.41 23.61 -21.48
CA GLN A 1 27.09 22.32 -21.39
C GLN A 1 27.38 21.73 -22.79
N SER A 2 27.58 20.42 -22.85
CA SER A 2 27.96 19.77 -24.10
C SER A 2 26.80 19.74 -25.09
N THR A 3 27.13 19.44 -26.35
CA THR A 3 26.10 19.42 -27.38
C THR A 3 25.05 18.34 -27.11
N ILE A 4 25.48 17.14 -26.70
CA ILE A 4 24.52 16.08 -26.41
C ILE A 4 23.61 16.47 -25.25
N GLU A 5 24.17 17.10 -24.20
CA GLU A 5 23.34 17.50 -23.06
C GLU A 5 22.37 18.61 -23.45
N GLU A 6 22.82 19.57 -24.25
CA GLU A 6 21.95 20.65 -24.72
C GLU A 6 20.80 20.08 -25.53
N GLN A 7 21.09 19.15 -26.44
CA GLN A 7 20.04 18.52 -27.24
C GLN A 7 19.11 17.68 -26.36
N ALA A 8 19.63 17.05 -25.30
CA ALA A 8 18.77 16.32 -24.38
C ALA A 8 17.84 17.27 -23.62
N LYS A 9 18.38 18.39 -23.14
CA LYS A 9 17.56 19.40 -22.47
C LYS A 9 16.46 19.91 -23.38
N THR A 10 16.81 20.20 -24.65
CA THR A 10 15.79 20.65 -25.59
C THR A 10 14.73 19.57 -25.82
N PHE A 11 15.17 18.32 -25.98
CA PHE A 11 14.21 17.23 -26.14
C PHE A 11 13.28 17.14 -24.95
N LEU A 12 13.83 17.15 -23.74
CA LEU A 12 12.99 17.03 -22.54
C LEU A 12 12.02 18.20 -22.41
N ASP A 13 12.47 19.41 -22.77
CA ASP A 13 11.57 20.56 -22.74
C ASP A 13 10.37 20.35 -23.65
N LYS A 14 10.59 19.78 -24.83
CA LYS A 14 9.48 19.52 -25.74
C LYS A 14 8.64 18.35 -25.25
N PHE A 15 9.29 17.32 -24.70
CA PHE A 15 8.56 16.19 -24.11
C PHE A 15 7.62 16.67 -23.01
N ASN A 16 8.13 17.50 -22.09
CA ASN A 16 7.33 17.93 -20.94
C ASN A 16 6.12 18.74 -21.38
N HIS A 17 6.23 19.53 -22.45
CA HIS A 17 5.07 20.28 -22.91
C HIS A 17 4.10 19.38 -23.66
N GLU A 18 4.60 18.51 -24.52
CA GLU A 18 3.73 17.57 -25.22
C GLU A 18 3.04 16.62 -24.24
N ALA A 19 3.78 16.17 -23.21
CA ALA A 19 3.20 15.25 -22.24
C ALA A 19 2.12 15.93 -21.40
N GLU A 20 2.35 17.19 -21.00
CA GLU A 20 1.34 17.92 -20.23
C GLU A 20 0.02 18.02 -21.00
N ASP A 21 0.09 18.37 -22.28
CA ASP A 21 -1.12 18.54 -23.08
C ASP A 21 -1.85 17.23 -23.27
N LEU A 22 -1.11 16.16 -23.61
CA LEU A 22 -1.76 14.88 -23.86
C LEU A 22 -2.23 14.22 -22.57
N PHE A 23 -1.45 14.35 -21.49
CA PHE A 23 -1.88 13.79 -20.21
C PHE A 23 -3.14 14.49 -19.70
N TYR A 24 -3.20 15.82 -19.84
CA TYR A 24 -4.40 16.55 -19.44
C TYR A 24 -5.60 16.06 -20.23
N GLN A 25 -5.45 15.95 -21.56
CA GLN A 25 -6.56 15.47 -22.37
C GLN A 25 -6.90 14.01 -22.06
N SER A 26 -5.88 13.16 -21.88
CA SER A 26 -6.14 11.76 -21.59
C SER A 26 -6.83 11.59 -20.24
N SER A 27 -6.27 12.21 -19.19
CA SER A 27 -6.89 12.09 -17.88
C SER A 27 -8.20 12.85 -17.78
N LEU A 28 -8.44 13.83 -18.67
CA LEU A 28 -9.75 14.45 -18.74
C LEU A 28 -10.81 13.45 -19.19
N ALA A 29 -10.43 12.50 -20.04
CA ALA A 29 -11.36 11.45 -20.44
C ALA A 29 -11.59 10.46 -19.31
N SER A 30 -10.56 10.19 -18.51
CA SER A 30 -10.72 9.32 -17.35
C SER A 30 -11.72 9.90 -16.36
N TRP A 31 -11.71 11.22 -16.19
CA TRP A 31 -12.66 11.85 -15.29
C TRP A 31 -14.08 11.75 -15.81
N ASN A 32 -14.26 11.74 -17.15
CA ASN A 32 -15.60 11.65 -17.71
C ASN A 32 -16.22 10.27 -17.46
N TYR A 33 -15.44 9.22 -17.71
CA TYR A 33 -15.95 7.86 -17.52
C TYR A 33 -16.22 7.55 -16.06
N ASN A 34 -15.24 7.83 -15.19
CA ASN A 34 -15.37 7.50 -13.77
C ASN A 34 -16.46 8.31 -13.09
N THR A 35 -16.92 9.41 -13.69
CA THR A 35 -18.03 10.19 -13.17
C THR A 35 -19.30 10.05 -13.99
N ASN A 36 -19.29 9.23 -15.04
CA ASN A 36 -20.44 9.05 -15.92
C ASN A 36 -20.25 7.78 -16.74
N ILE A 37 -20.42 6.62 -16.09
CA ILE A 37 -20.12 5.34 -16.73
C ILE A 37 -21.10 5.11 -17.88
N THR A 38 -20.57 5.06 -19.11
CA THR A 38 -21.35 4.72 -20.29
C THR A 38 -20.57 3.70 -21.11
N GLU A 39 -21.30 2.98 -21.97
CA GLU A 39 -20.66 2.02 -22.88
C GLU A 39 -19.70 2.72 -23.83
N GLU A 40 -20.10 3.90 -24.32
CA GLU A 40 -19.24 4.67 -25.23
C GLU A 40 -17.95 5.07 -24.54
N ASN A 41 -18.01 5.47 -23.26
CA ASN A 41 -16.85 6.03 -22.60
C ASN A 41 -15.79 4.99 -22.30
N VAL A 42 -16.18 3.72 -22.14
CA VAL A 42 -15.18 2.67 -21.88
C VAL A 42 -14.16 2.62 -23.01
N GLN A 43 -14.65 2.61 -24.25
CA GLN A 43 -13.74 2.61 -25.40
C GLN A 43 -13.30 4.02 -25.77
N ASN A 44 -14.13 5.04 -25.48
CA ASN A 44 -13.70 6.41 -25.67
C ASN A 44 -12.52 6.74 -24.77
N MET A 45 -12.59 6.33 -23.50
CA MET A 45 -11.45 6.51 -22.61
C MET A 45 -10.28 5.65 -23.06
N ASN A 46 -10.56 4.47 -23.60
CA ASN A 46 -9.50 3.65 -24.17
C ASN A 46 -8.86 4.34 -25.37
N ASN A 47 -9.67 5.07 -26.15
CA ASN A 47 -9.11 5.84 -27.26
C ASN A 47 -8.17 6.92 -26.76
N ALA A 48 -8.48 7.53 -25.61
CA ALA A 48 -7.61 8.52 -25.02
C ALA A 48 -6.44 7.88 -24.28
N GLY A 49 -6.67 6.73 -23.66
CA GLY A 49 -5.62 6.06 -22.91
C GLY A 49 -4.65 5.29 -23.79
N ASP A 50 -5.11 4.84 -24.96
CA ASP A 50 -4.22 4.19 -25.91
C ASP A 50 -3.34 5.22 -26.62
N LYS A 51 -3.91 6.39 -26.93
CA LYS A 51 -3.13 7.49 -27.49
C LYS A 51 -2.01 7.89 -26.54
N TRP A 52 -2.27 7.83 -25.22
CA TRP A 52 -1.26 8.23 -24.24
C TRP A 52 -0.16 7.18 -24.12
N SER A 53 -0.52 5.90 -24.19
CA SER A 53 0.48 4.84 -24.00
C SER A 53 1.44 4.76 -25.19
N ALA A 54 0.96 5.07 -26.40
CA ALA A 54 1.82 5.01 -27.58
C ALA A 54 2.76 6.22 -27.65
N PHE A 55 2.27 7.38 -27.22
CA PHE A 55 3.10 8.59 -27.18
C PHE A 55 4.36 8.35 -26.36
N LEU A 56 4.24 7.66 -25.22
CA LEU A 56 5.41 7.40 -24.39
C LEU A 56 6.38 6.43 -25.06
N LYS A 57 5.87 5.55 -25.93
CA LYS A 57 6.74 4.65 -26.67
C LYS A 57 7.55 5.41 -27.71
N GLU A 58 6.89 6.30 -28.46
CA GLU A 58 7.62 7.13 -29.42
C GLU A 58 8.60 8.06 -28.72
N GLN A 59 8.19 8.67 -27.61
CA GLN A 59 9.10 9.53 -26.85
C GLN A 59 10.23 8.73 -26.22
N SER A 60 9.97 7.46 -25.88
CA SER A 60 11.04 6.62 -25.38
C SER A 60 12.09 6.37 -26.46
N THR A 61 11.64 6.12 -27.70
CA THR A 61 12.56 5.94 -28.81
C THR A 61 13.40 7.19 -29.03
N LEU A 62 12.76 8.37 -29.04
CA LEU A 62 13.51 9.62 -29.18
C LEU A 62 14.50 9.81 -28.04
N ALA A 63 14.15 9.38 -26.83
CA ALA A 63 15.03 9.56 -25.69
C ALA A 63 16.32 8.75 -25.83
N GLN A 64 16.28 7.64 -26.57
CA GLN A 64 17.46 6.77 -26.70
C GLN A 64 18.59 7.40 -27.50
N MET A 65 18.32 8.47 -28.24
CA MET A 65 19.35 9.14 -29.03
C MET A 65 20.36 9.91 -28.18
N TYR A 66 20.19 9.94 -26.87
CA TYR A 66 21.07 10.72 -25.99
C TYR A 66 21.66 9.80 -24.93
N PRO A 67 22.91 9.36 -25.10
CA PRO A 67 23.52 8.44 -24.13
C PRO A 67 23.53 9.03 -22.73
N LEU A 68 23.10 8.21 -21.76
CA LEU A 68 23.04 8.67 -20.37
C LEU A 68 24.43 9.03 -19.85
N GLN A 69 25.46 8.35 -20.34
CA GLN A 69 26.83 8.60 -19.90
C GLN A 69 27.29 10.01 -20.18
N GLU A 70 26.70 10.69 -21.16
CA GLU A 70 27.09 12.05 -21.53
C GLU A 70 26.38 13.12 -20.72
N ILE A 71 25.25 12.80 -20.12
CA ILE A 71 24.50 13.78 -19.33
C ILE A 71 25.15 13.92 -17.96
N GLN A 72 25.43 15.15 -17.57
CA GLN A 72 25.97 15.43 -16.24
C GLN A 72 24.93 16.04 -15.31
N ASN A 73 23.94 16.74 -15.86
CA ASN A 73 22.85 17.28 -15.05
C ASN A 73 21.99 16.15 -14.51
N LEU A 74 21.89 16.05 -13.19
CA LEU A 74 21.19 14.91 -12.58
C LEU A 74 19.70 14.96 -12.84
N THR A 75 19.10 16.16 -12.80
CA THR A 75 17.67 16.29 -13.08
C THR A 75 17.33 15.85 -14.50
N VAL A 76 18.24 16.08 -15.46
CA VAL A 76 18.02 15.61 -16.81
C VAL A 76 18.25 14.10 -16.90
N LYS A 77 19.28 13.60 -16.22
CA LYS A 77 19.54 12.17 -16.16
C LYS A 77 18.32 11.43 -15.62
N LEU A 78 17.73 11.92 -14.53
CA LEU A 78 16.58 11.24 -13.92
C LEU A 78 15.44 11.12 -14.91
N GLN A 79 15.21 12.16 -15.72
CA GLN A 79 14.10 12.11 -16.67
C GLN A 79 14.42 11.21 -17.86
N LEU A 80 15.65 11.30 -18.37
CA LEU A 80 16.06 10.44 -19.48
C LEU A 80 16.02 8.97 -19.08
N GLN A 81 16.44 8.66 -17.86
CA GLN A 81 16.47 7.28 -17.38
C GLN A 81 15.07 6.67 -17.40
N ALA A 82 14.09 7.40 -16.84
CA ALA A 82 12.71 6.93 -16.87
C ALA A 82 12.19 6.75 -18.29
N LEU A 83 12.67 7.57 -19.24
CA LEU A 83 12.19 7.47 -20.61
C LEU A 83 12.90 6.37 -21.40
N GLN A 84 14.17 6.10 -21.08
CA GLN A 84 14.97 5.15 -21.83
C GLN A 84 14.66 3.69 -21.47
N GLN A 85 13.84 3.44 -20.46
CA GLN A 85 13.54 2.08 -20.03
C GLN A 85 12.91 1.29 -21.17
N ASN A 86 13.43 0.09 -21.40
CA ASN A 86 12.92 -0.77 -22.46
C ASN A 86 11.78 -1.67 -21.97
N GLY A 87 11.84 -2.16 -20.74
CA GLY A 87 10.76 -2.97 -20.21
C GLY A 87 10.65 -4.29 -20.95
N SER A 88 9.43 -4.66 -21.33
CA SER A 88 9.22 -5.91 -22.04
C SER A 88 9.59 -5.82 -23.52
N SER A 89 10.04 -4.66 -23.99
CA SER A 89 10.52 -4.53 -25.37
C SER A 89 11.76 -5.35 -25.63
N VAL A 90 12.55 -5.66 -24.59
CA VAL A 90 13.76 -6.46 -24.77
C VAL A 90 13.43 -7.90 -25.13
N LEU A 91 12.19 -8.33 -24.89
CA LEU A 91 11.81 -9.71 -25.21
C LEU A 91 11.48 -9.85 -26.68
N SER A 92 11.76 -11.03 -27.22
CA SER A 92 11.29 -11.36 -28.56
C SER A 92 9.78 -11.23 -28.64
N GLU A 93 9.27 -11.04 -29.85
CA GLU A 93 7.83 -10.89 -30.04
C GLU A 93 7.08 -12.12 -29.57
N ASP A 94 7.66 -13.31 -29.74
CA ASP A 94 7.01 -14.52 -29.25
C ASP A 94 6.95 -14.52 -27.73
N LYS A 95 8.06 -14.20 -27.08
CA LYS A 95 8.09 -14.24 -25.62
C LYS A 95 7.23 -13.14 -25.01
N SER A 96 7.16 -11.96 -25.64
CA SER A 96 6.25 -10.93 -25.17
C SER A 96 4.79 -11.36 -25.31
N LYS A 97 4.45 -11.98 -26.43
CA LYS A 97 3.09 -12.48 -26.61
C LYS A 97 2.76 -13.57 -25.60
N ARG A 98 3.72 -14.46 -25.33
CA ARG A 98 3.48 -15.52 -24.35
C ARG A 98 3.32 -14.93 -22.95
N LEU A 99 4.25 -14.06 -22.55
CA LEU A 99 4.17 -13.44 -21.23
C LEU A 99 2.84 -12.72 -21.05
N ASN A 100 2.42 -11.95 -22.05
CA ASN A 100 1.16 -11.21 -21.93
C ASN A 100 -0.02 -12.16 -21.84
N THR A 101 0.03 -13.28 -22.55
CA THR A 101 -1.04 -14.26 -22.45
C THR A 101 -1.08 -14.88 -21.05
N ILE A 102 0.09 -15.24 -20.51
CA ILE A 102 0.18 -15.76 -19.16
C ILE A 102 -0.34 -14.74 -18.14
N LEU A 103 0.06 -13.47 -18.30
CA LEU A 103 -0.38 -12.42 -17.38
C LEU A 103 -1.90 -12.27 -17.40
N ASN A 104 -2.49 -12.23 -18.60
CA ASN A 104 -3.94 -12.06 -18.70
C ASN A 104 -4.68 -13.28 -18.16
N THR A 105 -4.13 -14.47 -18.37
CA THR A 105 -4.80 -15.69 -17.91
C THR A 105 -4.76 -15.79 -16.38
N MET A 106 -3.61 -15.53 -15.77
CA MET A 106 -3.55 -15.49 -14.30
C MET A 106 -4.54 -14.50 -13.74
N SER A 107 -4.58 -13.29 -14.30
CA SER A 107 -5.51 -12.28 -13.82
C SER A 107 -6.95 -12.75 -13.92
N THR A 108 -7.29 -13.40 -15.05
CA THR A 108 -8.66 -13.85 -15.27
C THR A 108 -9.01 -15.04 -14.38
N ILE A 109 -8.08 -15.97 -14.19
CA ILE A 109 -8.31 -17.09 -13.28
C ILE A 109 -8.62 -16.58 -11.88
N TYR A 110 -7.89 -15.55 -11.43
CA TYR A 110 -8.12 -15.01 -10.10
C TYR A 110 -9.48 -14.34 -10.01
N SER A 111 -9.78 -13.44 -10.95
CA SER A 111 -10.97 -12.60 -10.83
C SER A 111 -12.26 -13.37 -11.10
N THR A 112 -12.19 -14.51 -11.78
CA THR A 112 -13.36 -15.37 -11.99
C THR A 112 -13.36 -16.57 -11.05
N GLY A 113 -12.44 -16.61 -10.09
CA GLY A 113 -12.36 -17.77 -9.23
C GLY A 113 -13.62 -17.93 -8.39
N LYS A 114 -14.05 -19.18 -8.24
CA LYS A 114 -15.22 -19.47 -7.43
C LYS A 114 -15.16 -20.94 -7.02
N VAL A 115 -15.73 -21.21 -5.85
CA VAL A 115 -15.81 -22.57 -5.33
C VAL A 115 -17.28 -22.91 -5.15
N CYS A 116 -17.60 -24.18 -5.32
CA CYS A 116 -18.99 -24.62 -5.32
C CYS A 116 -19.21 -25.66 -4.24
N ASN A 117 -20.44 -25.70 -3.74
CA ASN A 117 -20.88 -26.70 -2.79
C ASN A 117 -20.65 -28.09 -3.36
N PRO A 118 -19.90 -28.96 -2.68
CA PRO A 118 -19.67 -30.31 -3.25
C PRO A 118 -20.94 -31.15 -3.32
N ASP A 119 -21.94 -30.88 -2.47
CA ASP A 119 -23.22 -31.56 -2.54
C ASP A 119 -24.21 -30.89 -3.51
N ASN A 120 -23.97 -29.62 -3.85
CA ASN A 120 -24.82 -28.88 -4.78
C ASN A 120 -23.92 -28.08 -5.71
N PRO A 121 -23.44 -28.71 -6.78
CA PRO A 121 -22.38 -28.10 -7.60
C PRO A 121 -22.79 -26.87 -8.40
N GLN A 122 -24.06 -26.44 -8.36
CA GLN A 122 -24.45 -25.20 -8.99
C GLN A 122 -24.50 -24.02 -8.02
N GLU A 123 -24.43 -24.29 -6.72
CA GLU A 123 -24.37 -23.26 -5.70
C GLU A 123 -22.91 -22.93 -5.44
N CYS A 124 -22.46 -21.75 -5.89
CA CYS A 124 -21.05 -21.40 -5.85
C CYS A 124 -20.86 -20.05 -5.17
N LEU A 125 -19.64 -19.85 -4.67
CA LEU A 125 -19.27 -18.64 -3.97
C LEU A 125 -18.08 -17.98 -4.65
N LEU A 126 -18.16 -16.67 -4.82
CA LEU A 126 -17.01 -15.89 -5.28
C LEU A 126 -16.21 -15.44 -4.07
N LEU A 127 -14.96 -15.02 -4.33
CA LEU A 127 -14.13 -14.45 -3.27
C LEU A 127 -14.84 -13.28 -2.61
N GLU A 128 -15.23 -12.27 -3.40
CA GLU A 128 -16.07 -11.19 -2.93
C GLU A 128 -17.48 -11.36 -3.48
N PRO A 129 -18.51 -11.36 -2.63
CA PRO A 129 -18.48 -11.24 -1.16
C PRO A 129 -18.44 -12.59 -0.46
N GLY A 130 -18.74 -13.68 -1.16
CA GLY A 130 -18.97 -14.98 -0.55
C GLY A 130 -17.89 -15.50 0.37
N LEU A 131 -16.72 -15.83 -0.18
CA LEU A 131 -15.65 -16.39 0.64
C LEU A 131 -15.12 -15.37 1.64
N ASN A 132 -15.05 -14.10 1.26
CA ASN A 132 -14.56 -13.07 2.18
C ASN A 132 -15.45 -12.95 3.40
N GLU A 133 -16.76 -13.11 3.23
CA GLU A 133 -17.66 -13.05 4.38
C GLU A 133 -17.42 -14.23 5.33
N ILE A 134 -17.20 -15.43 4.79
CA ILE A 134 -16.88 -16.57 5.63
C ILE A 134 -15.58 -16.31 6.39
N MET A 135 -14.54 -15.88 5.68
CA MET A 135 -13.23 -15.69 6.30
C MET A 135 -13.26 -14.60 7.36
N ALA A 136 -14.18 -13.64 7.24
CA ALA A 136 -14.25 -12.56 8.21
C ALA A 136 -15.14 -12.89 9.40
N ASN A 137 -16.27 -13.58 9.16
CA ASN A 137 -17.34 -13.65 10.13
C ASN A 137 -17.64 -15.05 10.64
N SER A 138 -17.14 -16.09 10.01
CA SER A 138 -17.49 -17.44 10.43
C SER A 138 -16.70 -17.83 11.68
N LEU A 139 -17.39 -18.50 12.60
CA LEU A 139 -16.75 -19.12 13.75
C LEU A 139 -16.76 -20.64 13.65
N ASP A 140 -17.13 -21.18 12.50
CA ASP A 140 -17.17 -22.61 12.25
C ASP A 140 -15.81 -23.02 11.67
N TYR A 141 -15.01 -23.71 12.49
CA TYR A 141 -13.66 -24.10 12.08
C TYR A 141 -13.68 -24.79 10.71
N ASN A 142 -14.63 -25.70 10.48
CA ASN A 142 -14.63 -26.48 9.25
C ASN A 142 -15.10 -25.67 8.05
N GLU A 143 -16.04 -24.73 8.26
CA GLU A 143 -16.45 -23.87 7.16
C GLU A 143 -15.32 -22.93 6.77
N ARG A 144 -14.59 -22.38 7.75
CA ARG A 144 -13.42 -21.57 7.44
C ARG A 144 -12.35 -22.40 6.72
N LEU A 145 -12.09 -23.62 7.21
CA LEU A 145 -11.12 -24.48 6.55
C LEU A 145 -11.55 -24.78 5.11
N TRP A 146 -12.85 -25.03 4.90
CA TRP A 146 -13.31 -25.36 3.56
C TRP A 146 -13.12 -24.19 2.60
N ALA A 147 -13.38 -22.97 3.06
CA ALA A 147 -13.20 -21.81 2.19
C ALA A 147 -11.72 -21.55 1.92
N TRP A 148 -10.88 -21.67 2.95
CA TRP A 148 -9.44 -21.45 2.80
C TRP A 148 -8.84 -22.49 1.85
N GLU A 149 -9.17 -23.77 2.06
CA GLU A 149 -8.61 -24.83 1.25
C GLU A 149 -9.16 -24.80 -0.18
N SER A 150 -10.47 -24.60 -0.33
CA SER A 150 -11.07 -24.64 -1.66
C SER A 150 -10.52 -23.54 -2.56
N TRP A 151 -10.32 -22.34 -2.01
CA TRP A 151 -9.75 -21.25 -2.80
C TRP A 151 -8.37 -21.63 -3.32
N ARG A 152 -7.52 -22.17 -2.43
CA ARG A 152 -6.17 -22.51 -2.86
C ARG A 152 -6.15 -23.72 -3.78
N SER A 153 -7.12 -24.62 -3.64
CA SER A 153 -7.17 -25.79 -4.50
C SER A 153 -7.74 -25.46 -5.88
N GLU A 154 -8.82 -24.68 -5.92
CA GLU A 154 -9.44 -24.34 -7.20
C GLU A 154 -8.64 -23.27 -7.94
N VAL A 155 -8.28 -22.19 -7.25
CA VAL A 155 -7.59 -21.09 -7.90
C VAL A 155 -6.08 -21.31 -7.94
N GLY A 156 -5.46 -21.55 -6.78
CA GLY A 156 -4.01 -21.66 -6.72
C GLY A 156 -3.44 -22.74 -7.63
N LYS A 157 -4.08 -23.91 -7.66
CA LYS A 157 -3.58 -24.99 -8.51
C LYS A 157 -3.61 -24.61 -9.98
N GLN A 158 -4.65 -23.88 -10.40
CA GLN A 158 -4.72 -23.39 -11.77
C GLN A 158 -3.56 -22.48 -12.11
N LEU A 159 -3.11 -21.70 -11.13
CA LEU A 159 -2.05 -20.73 -11.37
C LEU A 159 -0.66 -21.33 -11.35
N ARG A 160 -0.49 -22.47 -10.69
CA ARG A 160 0.85 -23.04 -10.49
C ARG A 160 1.66 -23.16 -11.76
N PRO A 161 1.19 -23.82 -12.84
CA PRO A 161 2.04 -23.91 -14.03
C PRO A 161 2.21 -22.57 -14.73
N LEU A 162 1.18 -21.72 -14.70
CA LEU A 162 1.32 -20.37 -15.22
C LEU A 162 2.35 -19.57 -14.44
N TYR A 163 2.35 -19.68 -13.10
CA TYR A 163 3.30 -18.90 -12.32
C TYR A 163 4.75 -19.34 -12.59
N GLU A 164 4.97 -20.62 -12.87
CA GLU A 164 6.32 -21.08 -13.19
C GLU A 164 6.85 -20.41 -14.45
N GLU A 165 6.03 -20.33 -15.51
CA GLU A 165 6.51 -19.72 -16.74
C GLU A 165 6.57 -18.20 -16.62
N TYR A 166 5.68 -17.62 -15.82
CA TYR A 166 5.79 -16.19 -15.49
C TYR A 166 7.15 -15.86 -14.88
N VAL A 167 7.64 -16.72 -13.97
CA VAL A 167 8.95 -16.48 -13.36
C VAL A 167 10.05 -16.53 -14.40
N VAL A 168 10.00 -17.52 -15.30
CA VAL A 168 11.03 -17.66 -16.33
C VAL A 168 11.04 -16.44 -17.24
N LEU A 169 9.87 -16.05 -17.76
CA LEU A 169 9.82 -14.96 -18.72
C LEU A 169 10.15 -13.61 -18.07
N LYS A 170 9.74 -13.43 -16.81
CA LYS A 170 10.04 -12.17 -16.13
C LYS A 170 11.52 -12.05 -15.83
N ASN A 171 12.16 -13.16 -15.45
CA ASN A 171 13.60 -13.13 -15.19
C ASN A 171 14.38 -12.83 -16.46
N GLU A 172 14.00 -13.46 -17.57
CA GLU A 172 14.66 -13.19 -18.85
C GLU A 172 14.54 -11.72 -19.23
N MET A 173 13.37 -11.14 -19.04
CA MET A 173 13.19 -9.72 -19.32
C MET A 173 14.09 -8.87 -18.43
N ALA A 174 14.11 -9.17 -17.12
CA ALA A 174 14.93 -8.40 -16.20
C ALA A 174 16.41 -8.54 -16.50
N ARG A 175 16.86 -9.76 -16.78
CA ARG A 175 18.27 -9.97 -17.12
C ARG A 175 18.66 -9.17 -18.36
N ALA A 176 17.79 -9.16 -19.38
CA ALA A 176 18.07 -8.39 -20.58
C ALA A 176 18.04 -6.88 -20.34
N ASN A 177 17.44 -6.42 -19.24
CA ASN A 177 17.56 -5.03 -18.86
C ASN A 177 18.68 -4.79 -17.86
N HIS A 178 19.58 -5.77 -17.70
CA HIS A 178 20.80 -5.68 -16.89
C HIS A 178 20.50 -5.69 -15.40
N TYR A 179 19.41 -6.32 -14.99
CA TYR A 179 19.17 -6.64 -13.60
C TYR A 179 19.56 -8.09 -13.33
N GLU A 180 19.66 -8.42 -12.04
CA GLU A 180 20.00 -9.79 -11.67
C GLU A 180 18.82 -10.74 -11.88
N ASP A 181 17.61 -10.24 -11.65
CA ASP A 181 16.38 -11.02 -11.75
C ASP A 181 15.22 -10.06 -11.58
N TYR A 182 14.00 -10.59 -11.66
CA TYR A 182 12.81 -9.76 -11.60
C TYR A 182 12.64 -9.09 -10.23
N GLY A 183 13.06 -9.76 -9.16
CA GLY A 183 13.01 -9.12 -7.84
C GLY A 183 13.96 -7.95 -7.76
N ASP A 184 15.21 -8.16 -8.20
CA ASP A 184 16.16 -7.06 -8.32
C ASP A 184 15.57 -5.92 -9.13
N TYR A 185 14.83 -6.24 -10.19
CA TYR A 185 14.18 -5.23 -11.02
C TYR A 185 13.19 -4.39 -10.19
N TRP A 186 12.36 -5.06 -9.38
CA TRP A 186 11.40 -4.34 -8.54
C TRP A 186 12.11 -3.47 -7.51
N ARG A 187 13.21 -3.96 -6.94
CA ARG A 187 13.93 -3.19 -5.95
C ARG A 187 14.57 -1.93 -6.54
N GLY A 188 14.54 -1.79 -7.87
CA GLY A 188 15.03 -0.58 -8.50
C GLY A 188 14.25 0.67 -8.16
N ASP A 189 13.02 0.53 -7.67
CA ASP A 189 12.26 1.72 -7.25
C ASP A 189 12.95 2.48 -6.12
N TYR A 190 13.79 1.81 -5.34
CA TYR A 190 14.48 2.46 -4.22
C TYR A 190 15.92 2.81 -4.56
N GLU A 191 16.38 2.50 -5.77
CA GLU A 191 17.78 2.73 -6.13
C GLU A 191 18.08 4.21 -6.28
N VAL A 192 19.22 4.63 -5.72
CA VAL A 192 19.72 5.99 -5.89
C VAL A 192 21.21 5.91 -6.24
N ASN A 193 21.60 6.57 -7.32
CA ASN A 193 22.97 6.60 -7.79
C ASN A 193 23.41 8.03 -8.08
N GLY A 194 24.70 8.29 -7.85
CA GLY A 194 25.31 9.54 -8.29
C GLY A 194 25.06 10.75 -7.43
N VAL A 195 24.52 10.59 -6.23
CA VAL A 195 24.35 11.68 -5.29
C VAL A 195 25.10 11.30 -4.02
N ASP A 196 26.23 11.96 -3.79
CA ASP A 196 27.12 11.55 -2.69
C ASP A 196 26.44 11.74 -1.35
N GLY A 197 26.44 10.69 -0.54
CA GLY A 197 25.81 10.72 0.77
C GLY A 197 24.36 10.31 0.79
N TYR A 198 23.74 10.11 -0.37
CA TYR A 198 22.33 9.74 -0.44
C TYR A 198 22.09 8.53 -1.32
N ASP A 199 23.14 7.82 -1.72
CA ASP A 199 22.98 6.67 -2.59
C ASP A 199 22.33 5.52 -1.85
N TYR A 200 21.73 4.62 -2.62
CA TYR A 200 21.01 3.48 -2.07
C TYR A 200 21.00 2.38 -3.13
N SER A 201 21.58 1.24 -2.79
CA SER A 201 21.66 0.13 -3.74
C SER A 201 20.42 -0.75 -3.64
N ARG A 202 20.19 -1.54 -4.68
CA ARG A 202 19.01 -2.39 -4.71
C ARG A 202 19.10 -3.50 -3.66
N GLY A 203 20.31 -4.02 -3.40
CA GLY A 203 20.45 -5.02 -2.36
C GLY A 203 20.26 -4.48 -0.96
N GLN A 204 20.56 -3.20 -0.74
CA GLN A 204 20.43 -2.59 0.58
C GLN A 204 19.00 -2.66 1.09
N LEU A 205 18.00 -2.69 0.20
CA LEU A 205 16.62 -2.78 0.63
C LEU A 205 16.36 -4.09 1.35
N ILE A 206 16.95 -5.19 0.86
CA ILE A 206 16.77 -6.48 1.53
C ILE A 206 17.34 -6.42 2.95
N GLU A 207 18.50 -5.79 3.11
CA GLU A 207 19.13 -5.72 4.42
C GLU A 207 18.41 -4.77 5.35
N ASP A 208 17.87 -3.68 4.82
CA ASP A 208 17.17 -2.72 5.68
C ASP A 208 15.80 -3.25 6.07
N VAL A 209 15.12 -3.93 5.15
CA VAL A 209 13.87 -4.59 5.50
C VAL A 209 14.11 -5.64 6.58
N GLU A 210 15.15 -6.45 6.41
CA GLU A 210 15.42 -7.52 7.37
C GLU A 210 15.88 -6.98 8.72
N HIS A 211 16.62 -5.87 8.74
CA HIS A 211 17.08 -5.33 10.01
C HIS A 211 15.94 -4.69 10.78
N THR A 212 15.10 -3.89 10.10
CA THR A 212 13.97 -3.28 10.80
C THR A 212 12.97 -4.34 11.24
N PHE A 213 12.83 -5.44 10.49
CA PHE A 213 11.91 -6.48 10.92
C PHE A 213 12.40 -7.17 12.18
N GLU A 214 13.72 -7.32 12.32
CA GLU A 214 14.31 -7.86 13.55
C GLU A 214 13.79 -7.13 14.78
N GLU A 215 13.77 -5.79 14.72
CA GLU A 215 13.32 -5.00 15.85
C GLU A 215 11.80 -5.06 16.04
N ILE A 216 11.07 -5.46 15.02
CA ILE A 216 9.62 -5.58 15.13
C ILE A 216 9.25 -6.85 15.90
N LYS A 217 10.13 -7.86 15.88
CA LYS A 217 9.79 -9.19 16.38
C LYS A 217 9.26 -9.21 17.81
N PRO A 218 9.88 -8.54 18.79
CA PRO A 218 9.31 -8.58 20.16
C PRO A 218 7.87 -8.09 20.21
N LEU A 219 7.57 -6.92 19.62
CA LEU A 219 6.20 -6.44 19.61
C LEU A 219 5.26 -7.42 18.91
N TYR A 220 5.69 -7.97 17.76
CA TYR A 220 4.80 -8.88 17.03
C TYR A 220 4.62 -10.20 17.78
N GLU A 221 5.69 -10.71 18.40
CA GLU A 221 5.56 -11.95 19.16
C GLU A 221 4.59 -11.77 20.32
N HIS A 222 4.60 -10.60 20.95
CA HIS A 222 3.69 -10.36 22.06
C HIS A 222 2.25 -10.15 21.58
N LEU A 223 2.07 -9.44 20.46
CA LEU A 223 0.74 -9.35 19.85
C LEU A 223 0.24 -10.73 19.46
N HIS A 224 1.10 -11.52 18.81
CA HIS A 224 0.77 -12.89 18.40
C HIS A 224 0.35 -13.74 19.61
N ALA A 225 1.10 -13.65 20.70
CA ALA A 225 0.79 -14.47 21.87
C ALA A 225 -0.53 -14.07 22.51
N TYR A 226 -0.80 -12.76 22.56
CA TYR A 226 -2.09 -12.30 23.06
C TYR A 226 -3.24 -12.78 22.18
N VAL A 227 -3.10 -12.60 20.85
CA VAL A 227 -4.13 -13.06 19.93
C VAL A 227 -4.33 -14.57 20.06
N ARG A 228 -3.23 -15.32 20.17
CA ARG A 228 -3.33 -16.78 20.21
C ARG A 228 -4.11 -17.25 21.44
N ALA A 229 -3.91 -16.59 22.59
CA ALA A 229 -4.64 -16.97 23.80
C ALA A 229 -6.12 -16.64 23.67
N LYS A 230 -6.44 -15.50 23.06
CA LYS A 230 -7.84 -15.13 22.83
C LYS A 230 -8.49 -16.04 21.79
N LEU A 231 -7.74 -16.42 20.75
CA LEU A 231 -8.29 -17.31 19.74
C LEU A 231 -8.56 -18.70 20.29
N MET A 232 -7.85 -19.10 21.35
CA MET A 232 -8.15 -20.39 21.97
C MET A 232 -9.55 -20.41 22.58
N ASN A 233 -10.03 -19.27 23.06
CA ASN A 233 -11.40 -19.19 23.53
C ASN A 233 -12.40 -19.13 22.39
N ALA A 234 -11.99 -18.57 21.25
CA ALA A 234 -12.90 -18.46 20.10
C ALA A 234 -13.01 -19.78 19.34
N TYR A 235 -11.93 -20.56 19.28
CA TYR A 235 -11.90 -21.85 18.57
C TYR A 235 -11.33 -22.92 19.50
N PRO A 236 -12.11 -23.32 20.51
CA PRO A 236 -11.56 -24.23 21.54
C PRO A 236 -11.17 -25.58 20.95
N SER A 237 -10.04 -26.11 21.41
CA SER A 237 -9.45 -27.41 21.11
C SER A 237 -8.64 -27.41 19.80
N TYR A 238 -8.63 -26.31 19.04
CA TYR A 238 -8.02 -26.28 17.73
C TYR A 238 -6.68 -25.54 17.69
N ILE A 239 -6.31 -24.83 18.75
CA ILE A 239 -5.13 -23.98 18.78
C ILE A 239 -4.22 -24.43 19.92
N SER A 240 -2.96 -24.68 19.61
CA SER A 240 -1.93 -25.03 20.58
C SER A 240 -1.39 -23.78 21.27
N PRO A 241 -1.20 -23.84 22.59
CA PRO A 241 -0.66 -22.68 23.31
C PRO A 241 0.79 -22.37 22.99
N ILE A 242 1.50 -23.27 22.32
CA ILE A 242 2.91 -23.07 21.96
C ILE A 242 3.13 -23.03 20.46
N GLY A 243 2.08 -23.13 19.64
CA GLY A 243 2.22 -23.32 18.22
C GLY A 243 1.83 -22.11 17.38
N CYS A 244 1.95 -22.29 16.08
CA CYS A 244 1.57 -21.26 15.14
C CYS A 244 0.05 -21.13 15.09
N LEU A 245 -0.41 -19.98 14.61
CA LEU A 245 -1.83 -19.77 14.37
C LEU A 245 -2.24 -20.47 13.09
N PRO A 246 -3.26 -21.33 13.11
CA PRO A 246 -3.77 -21.92 11.86
C PRO A 246 -4.14 -20.84 10.85
N ALA A 247 -3.68 -21.01 9.62
CA ALA A 247 -3.76 -19.94 8.62
C ALA A 247 -5.19 -19.54 8.26
N HIS A 248 -6.17 -20.41 8.49
CA HIS A 248 -7.53 -20.14 8.09
C HIS A 248 -8.36 -19.44 9.18
N LEU A 249 -7.73 -19.06 10.29
CA LEU A 249 -8.43 -18.49 11.44
C LEU A 249 -8.10 -17.02 11.68
N LEU A 250 -7.56 -16.33 10.69
CA LEU A 250 -6.94 -15.03 10.91
C LEU A 250 -7.80 -13.85 10.48
N GLY A 251 -9.03 -14.09 10.00
CA GLY A 251 -9.95 -13.00 9.73
C GLY A 251 -10.07 -12.56 8.28
N ASP A 252 -9.17 -13.01 7.41
CA ASP A 252 -9.38 -12.88 5.97
C ASP A 252 -8.76 -14.09 5.30
N MET A 253 -8.84 -14.10 3.96
CA MET A 253 -8.51 -15.32 3.21
C MET A 253 -7.03 -15.69 3.33
N TRP A 254 -6.16 -14.76 3.71
CA TRP A 254 -4.73 -15.01 3.79
C TRP A 254 -4.14 -14.72 5.15
N GLY A 255 -4.83 -13.99 6.01
CA GLY A 255 -4.19 -13.40 7.16
C GLY A 255 -3.35 -12.19 6.81
N ARG A 256 -3.69 -11.50 5.72
CA ARG A 256 -2.92 -10.32 5.35
C ARG A 256 -3.05 -9.22 6.40
N PHE A 257 -4.25 -9.02 6.92
CA PHE A 257 -4.49 -8.20 8.11
C PHE A 257 -5.23 -9.04 9.14
N TRP A 258 -5.04 -8.69 10.42
CA TRP A 258 -5.78 -9.32 11.51
C TRP A 258 -6.97 -8.48 11.94
N THR A 259 -7.34 -7.48 11.14
CA THR A 259 -8.38 -6.52 11.46
C THR A 259 -9.65 -7.19 11.99
N ASN A 260 -10.08 -8.28 11.36
CA ASN A 260 -11.35 -8.88 11.70
C ASN A 260 -11.28 -9.80 12.91
N LEU A 261 -10.14 -9.87 13.57
CA LEU A 261 -10.00 -10.55 14.85
C LEU A 261 -10.35 -9.66 16.03
N TYR A 262 -10.73 -8.40 15.79
CA TYR A 262 -10.84 -7.43 16.88
C TYR A 262 -11.89 -7.85 17.91
N SER A 263 -13.08 -8.22 17.44
CA SER A 263 -14.17 -8.59 18.35
C SER A 263 -13.89 -9.89 19.09
N LEU A 264 -12.89 -10.66 18.64
CA LEU A 264 -12.46 -11.85 19.35
C LEU A 264 -11.28 -11.58 20.28
N THR A 265 -10.64 -10.43 20.16
CA THR A 265 -9.46 -10.12 20.94
C THR A 265 -9.53 -8.79 21.67
N VAL A 266 -10.67 -8.10 21.60
CA VAL A 266 -10.76 -6.75 22.18
C VAL A 266 -10.41 -6.80 23.66
N PRO A 267 -9.48 -5.96 24.13
CA PRO A 267 -9.09 -6.03 25.56
C PRO A 267 -10.24 -5.75 26.51
N PHE A 268 -11.03 -4.71 26.25
CA PHE A 268 -12.12 -4.30 27.13
C PHE A 268 -13.38 -4.12 26.28
N GLY A 269 -14.12 -5.21 26.10
CA GLY A 269 -15.25 -5.21 25.19
C GLY A 269 -16.40 -4.32 25.63
N GLN A 270 -16.43 -3.91 26.89
CA GLN A 270 -17.51 -3.04 27.36
C GLN A 270 -17.28 -1.58 27.02
N LYS A 271 -16.06 -1.20 26.65
CA LYS A 271 -15.76 0.17 26.26
C LYS A 271 -15.94 0.29 24.75
N PRO A 272 -16.99 0.97 24.27
CA PRO A 272 -17.19 1.08 22.83
C PRO A 272 -16.16 2.02 22.20
N ASN A 273 -15.94 1.81 20.90
CA ASN A 273 -14.99 2.61 20.16
C ASN A 273 -15.52 4.04 19.98
N ILE A 274 -14.60 5.00 19.97
CA ILE A 274 -14.97 6.40 19.74
C ILE A 274 -15.49 6.55 18.32
N ASP A 275 -16.75 6.96 18.20
CA ASP A 275 -17.39 7.14 16.90
C ASP A 275 -18.16 8.45 16.90
N VAL A 276 -17.84 9.34 15.98
CA VAL A 276 -18.50 10.64 15.88
C VAL A 276 -19.51 10.66 14.73
N THR A 277 -19.90 9.51 14.21
CA THR A 277 -20.89 9.47 13.13
C THR A 277 -22.20 10.09 13.59
N ASP A 278 -22.67 9.70 14.79
CA ASP A 278 -23.93 10.24 15.29
C ASP A 278 -23.82 11.73 15.59
N ALA A 279 -22.70 12.16 16.18
CA ALA A 279 -22.52 13.58 16.46
C ALA A 279 -22.50 14.41 15.19
N MET A 280 -22.08 13.82 14.07
CA MET A 280 -22.06 14.54 12.80
C MET A 280 -23.46 14.66 12.21
N VAL A 281 -24.22 13.56 12.24
CA VAL A 281 -25.60 13.60 11.75
C VAL A 281 -26.44 14.53 12.62
N ASP A 282 -26.20 14.54 13.93
CA ASP A 282 -26.92 15.44 14.82
C ASP A 282 -26.67 16.90 14.46
N GLN A 283 -25.42 17.25 14.15
CA GLN A 283 -25.06 18.62 13.80
C GLN A 283 -25.30 18.93 12.32
N ALA A 284 -26.00 18.05 11.60
CA ALA A 284 -26.39 18.27 10.21
C ALA A 284 -25.17 18.52 9.32
N TRP A 285 -24.19 17.62 9.40
CA TRP A 285 -23.03 17.69 8.53
C TRP A 285 -23.35 17.07 7.17
N ASP A 286 -22.89 17.72 6.11
CA ASP A 286 -22.97 17.17 4.77
C ASP A 286 -21.56 17.00 4.20
N ALA A 287 -21.50 16.45 2.99
CA ALA A 287 -20.20 16.21 2.36
C ALA A 287 -19.40 17.50 2.22
N GLN A 288 -20.08 18.60 1.89
CA GLN A 288 -19.41 19.90 1.77
C GLN A 288 -18.72 20.27 3.07
N ARG A 289 -19.36 20.00 4.20
CA ARG A 289 -18.77 20.33 5.50
C ARG A 289 -17.53 19.50 5.78
N ILE A 290 -17.54 18.23 5.36
CA ILE A 290 -16.42 17.34 5.63
C ILE A 290 -15.16 17.86 4.95
N PHE A 291 -15.23 18.11 3.64
CA PHE A 291 -14.05 18.55 2.91
C PHE A 291 -13.63 19.96 3.30
N LYS A 292 -14.60 20.80 3.70
CA LYS A 292 -14.24 22.13 4.20
C LYS A 292 -13.44 22.03 5.49
N GLU A 293 -13.84 21.12 6.38
CA GLU A 293 -13.06 20.89 7.60
C GLU A 293 -11.69 20.31 7.27
N ALA A 294 -11.63 19.40 6.28
CA ALA A 294 -10.35 18.88 5.84
C ALA A 294 -9.45 19.98 5.31
N GLU A 295 -10.03 20.90 4.50
CA GLU A 295 -9.26 22.04 4.00
C GLU A 295 -8.79 22.93 5.13
N LYS A 296 -9.64 23.12 6.16
CA LYS A 296 -9.24 23.92 7.31
C LYS A 296 -8.05 23.30 8.03
N PHE A 297 -8.00 21.96 8.08
CA PHE A 297 -6.90 21.28 8.75
C PHE A 297 -5.58 21.54 8.04
N PHE A 298 -5.57 21.47 6.71
CA PHE A 298 -4.34 21.69 5.96
C PHE A 298 -3.94 23.15 5.98
N VAL A 299 -4.92 24.05 5.88
CA VAL A 299 -4.63 25.48 6.03
C VAL A 299 -4.02 25.74 7.40
N SER A 300 -4.46 24.98 8.42
CA SER A 300 -4.01 25.20 9.79
C SER A 300 -2.52 24.95 9.98
N VAL A 301 -1.87 24.22 9.07
CA VAL A 301 -0.44 23.92 9.20
C VAL A 301 0.39 24.70 8.19
N GLY A 302 -0.20 25.64 7.48
CA GLY A 302 0.53 26.46 6.53
C GLY A 302 0.47 25.99 5.09
N LEU A 303 -0.30 24.96 4.79
CA LEU A 303 -0.53 24.54 3.42
C LEU A 303 -1.67 25.35 2.81
N PRO A 304 -1.74 25.43 1.49
CA PRO A 304 -2.73 26.31 0.87
C PRO A 304 -4.14 25.75 0.97
N ASN A 305 -5.12 26.63 0.71
CA ASN A 305 -6.48 26.20 0.51
C ASN A 305 -6.56 25.28 -0.71
N MET A 306 -7.72 24.66 -0.88
CA MET A 306 -7.97 24.02 -2.16
C MET A 306 -8.17 25.10 -3.23
N THR A 307 -8.13 24.68 -4.50
CA THR A 307 -8.29 25.62 -5.60
C THR A 307 -9.77 25.83 -5.93
N GLN A 308 -10.03 26.91 -6.67
CA GLN A 308 -11.38 27.14 -7.17
C GLN A 308 -11.82 26.01 -8.08
N GLY A 309 -10.89 25.47 -8.88
CA GLY A 309 -11.21 24.33 -9.71
C GLY A 309 -11.56 23.09 -8.90
N PHE A 310 -10.93 22.92 -7.73
CA PHE A 310 -11.23 21.79 -6.87
C PHE A 310 -12.72 21.75 -6.52
N TRP A 311 -13.23 22.84 -5.93
CA TRP A 311 -14.63 22.88 -5.54
C TRP A 311 -15.56 22.83 -6.76
N GLU A 312 -15.19 23.50 -7.85
CA GLU A 312 -16.03 23.50 -9.03
C GLU A 312 -16.10 22.12 -9.68
N ASN A 313 -14.98 21.40 -9.70
CA ASN A 313 -14.89 20.19 -10.51
C ASN A 313 -15.02 18.91 -9.70
N SER A 314 -14.67 18.91 -8.42
CA SER A 314 -14.66 17.67 -7.65
C SER A 314 -16.08 17.15 -7.44
N MET A 315 -16.23 15.83 -7.50
CA MET A 315 -17.49 15.16 -7.21
C MET A 315 -17.39 14.58 -5.80
N LEU A 316 -18.07 15.23 -4.85
CA LEU A 316 -17.96 14.87 -3.44
C LEU A 316 -19.11 14.02 -2.93
N THR A 317 -20.13 13.76 -3.75
CA THR A 317 -21.24 12.88 -3.37
C THR A 317 -21.64 12.01 -4.55
N ASP A 318 -22.21 10.86 -4.24
CA ASP A 318 -22.78 9.99 -5.27
C ASP A 318 -23.95 10.72 -5.93
N PRO A 319 -23.96 10.90 -7.26
CA PRO A 319 -25.08 11.52 -7.96
C PRO A 319 -26.35 10.67 -7.92
N ALA A 325 -21.35 6.28 -11.24
CA ALA A 325 -19.92 6.57 -11.11
C ALA A 325 -19.18 5.45 -10.40
N VAL A 326 -17.85 5.53 -10.41
CA VAL A 326 -17.01 4.65 -9.60
C VAL A 326 -16.74 5.36 -8.28
N CYS A 327 -16.92 4.65 -7.17
CA CYS A 327 -16.94 5.30 -5.86
C CYS A 327 -15.66 5.07 -5.06
N HIS A 328 -14.59 4.58 -5.68
CA HIS A 328 -13.30 4.51 -5.00
C HIS A 328 -12.87 5.93 -4.60
N PRO A 329 -12.53 6.16 -3.33
CA PRO A 329 -11.93 7.46 -2.97
C PRO A 329 -10.62 7.64 -3.72
N THR A 330 -10.58 8.63 -4.61
CA THR A 330 -9.42 8.88 -5.45
C THR A 330 -9.12 10.36 -5.52
N ALA A 331 -7.83 10.68 -5.60
CA ALA A 331 -7.34 12.03 -5.79
C ALA A 331 -6.77 12.15 -7.20
N TRP A 332 -7.14 13.23 -7.89
CA TRP A 332 -6.80 13.41 -9.31
C TRP A 332 -5.85 14.57 -9.48
N ASP A 333 -4.79 14.36 -10.26
CA ASP A 333 -3.78 15.37 -10.57
C ASP A 333 -3.66 15.35 -12.09
N LEU A 334 -4.43 16.22 -12.75
CA LEU A 334 -4.55 16.21 -14.20
C LEU A 334 -3.53 17.11 -14.90
N GLY A 335 -2.89 18.01 -14.16
CA GLY A 335 -2.03 19.01 -14.75
C GLY A 335 -2.78 20.30 -15.06
N LYS A 336 -1.99 21.32 -15.44
CA LYS A 336 -2.54 22.64 -15.77
C LYS A 336 -3.35 23.22 -14.62
N GLY A 337 -2.87 22.98 -13.40
CA GLY A 337 -3.51 23.50 -12.21
C GLY A 337 -4.87 22.92 -11.89
N ASP A 338 -5.19 21.74 -12.43
CA ASP A 338 -6.48 21.10 -12.22
C ASP A 338 -6.32 19.94 -11.25
N PHE A 339 -6.89 20.08 -10.05
CA PHE A 339 -6.86 19.06 -9.01
C PHE A 339 -8.28 18.73 -8.58
N ARG A 340 -8.59 17.44 -8.44
CA ARG A 340 -9.95 17.03 -8.08
C ARG A 340 -9.90 15.82 -7.15
N ILE A 341 -11.00 15.63 -6.43
CA ILE A 341 -11.24 14.44 -5.61
C ILE A 341 -12.56 13.83 -6.06
N LEU A 342 -12.56 12.52 -6.24
CA LEU A 342 -13.78 11.77 -6.55
C LEU A 342 -14.08 10.86 -5.36
N MET A 343 -15.21 11.10 -4.71
CA MET A 343 -15.58 10.33 -3.52
C MET A 343 -17.09 10.39 -3.31
N CYS A 344 -17.71 9.22 -3.17
CA CYS A 344 -19.14 9.10 -2.91
C CYS A 344 -19.37 9.23 -1.40
N THR A 345 -19.13 10.44 -0.90
CA THR A 345 -19.04 10.65 0.54
C THR A 345 -20.35 10.36 1.24
N LYS A 346 -20.23 9.84 2.46
CA LYS A 346 -21.35 9.64 3.37
C LYS A 346 -21.02 10.34 4.68
N VAL A 347 -22.06 10.65 5.46
CA VAL A 347 -21.87 11.36 6.71
C VAL A 347 -21.48 10.36 7.79
N THR A 348 -20.26 9.83 7.71
CA THR A 348 -19.74 8.88 8.68
C THR A 348 -18.34 9.32 9.12
N MET A 349 -17.91 8.80 10.26
CA MET A 349 -16.56 9.10 10.75
C MET A 349 -15.51 8.61 9.76
N ASP A 350 -15.76 7.45 9.14
CA ASP A 350 -14.79 6.90 8.19
C ASP A 350 -14.55 7.86 7.04
N ASP A 351 -15.62 8.33 6.40
CA ASP A 351 -15.48 9.23 5.26
C ASP A 351 -14.90 10.58 5.66
N PHE A 352 -15.12 11.00 6.91
CA PHE A 352 -14.44 12.19 7.41
C PHE A 352 -12.93 11.95 7.46
N LEU A 353 -12.52 10.76 7.90
CA LEU A 353 -11.10 10.43 7.94
C LEU A 353 -10.54 10.22 6.54
N THR A 354 -11.32 9.55 5.67
CA THR A 354 -10.87 9.30 4.31
C THR A 354 -10.68 10.61 3.54
N ALA A 355 -11.55 11.59 3.79
CA ALA A 355 -11.42 12.88 3.10
C ALA A 355 -10.12 13.58 3.48
N HIS A 356 -9.69 13.44 4.73
CA HIS A 356 -8.39 13.99 5.12
C HIS A 356 -7.26 13.24 4.41
N HIS A 357 -7.44 11.93 4.21
CA HIS A 357 -6.46 11.12 3.51
C HIS A 357 -6.34 11.54 2.06
N GLU A 358 -7.47 11.68 1.36
CA GLU A 358 -7.45 11.99 -0.06
C GLU A 358 -6.97 13.40 -0.33
N MET A 359 -7.27 14.34 0.56
CA MET A 359 -6.76 15.70 0.39
C MET A 359 -5.27 15.78 0.70
N GLY A 360 -4.76 14.87 1.54
CA GLY A 360 -3.32 14.77 1.70
C GLY A 360 -2.62 14.43 0.40
N HIS A 361 -3.23 13.52 -0.39
CA HIS A 361 -2.75 13.28 -1.74
C HIS A 361 -2.74 14.57 -2.55
N ILE A 362 -3.83 15.33 -2.48
CA ILE A 362 -3.96 16.57 -3.24
C ILE A 362 -2.91 17.59 -2.80
N GLN A 363 -2.67 17.69 -1.49
CA GLN A 363 -1.64 18.60 -1.00
C GLN A 363 -0.26 18.20 -1.52
N TYR A 364 0.04 16.90 -1.49
CA TYR A 364 1.27 16.40 -2.10
C TYR A 364 1.32 16.76 -3.59
N ASP A 365 0.23 16.53 -4.31
CA ASP A 365 0.18 16.82 -5.75
C ASP A 365 0.43 18.31 -6.02
N MET A 366 -0.27 19.18 -5.29
CA MET A 366 -0.12 20.61 -5.49
C MET A 366 1.31 21.05 -5.21
N ALA A 367 1.94 20.48 -4.18
CA ALA A 367 3.24 20.95 -3.74
C ALA A 367 4.33 20.72 -4.79
N TYR A 368 4.24 19.65 -5.59
CA TYR A 368 5.28 19.38 -6.57
C TYR A 368 4.83 19.66 -8.00
N ALA A 369 3.76 20.45 -8.16
CA ALA A 369 3.20 20.72 -9.48
C ALA A 369 4.18 21.44 -10.41
N ALA A 370 5.16 22.16 -9.86
CA ALA A 370 6.12 22.89 -10.68
C ALA A 370 7.25 22.01 -11.19
N GLN A 371 7.35 20.77 -10.73
CA GLN A 371 8.44 19.90 -11.15
C GLN A 371 8.25 19.49 -12.61
N PRO A 372 9.33 19.05 -13.28
CA PRO A 372 9.17 18.44 -14.60
C PRO A 372 8.18 17.28 -14.56
N PHE A 373 7.56 17.02 -15.72
CA PHE A 373 6.43 16.10 -15.81
C PHE A 373 6.67 14.81 -15.05
N LEU A 374 7.70 14.05 -15.44
CA LEU A 374 7.96 12.74 -14.85
C LEU A 374 8.42 12.80 -13.40
N LEU A 375 8.81 13.98 -12.91
CA LEU A 375 9.20 14.13 -11.52
C LEU A 375 8.04 14.57 -10.63
N ARG A 376 6.86 14.75 -11.21
CA ARG A 376 5.64 15.01 -10.46
C ARG A 376 5.07 13.67 -9.99
N ASN A 377 5.72 13.11 -8.97
CA ASN A 377 5.37 11.82 -8.41
C ASN A 377 5.90 11.75 -6.98
N GLY A 378 5.46 10.75 -6.23
CA GLY A 378 6.00 10.52 -4.91
C GLY A 378 7.46 10.14 -4.96
N ALA A 379 8.19 10.47 -3.89
CA ALA A 379 9.63 10.29 -3.89
C ALA A 379 10.03 8.84 -4.12
N ASN A 380 9.26 7.90 -3.57
CA ASN A 380 9.26 6.52 -4.05
C ASN A 380 7.85 5.96 -3.85
N GLU A 381 7.67 4.68 -4.15
CA GLU A 381 6.35 4.05 -4.18
C GLU A 381 5.65 4.09 -2.83
N GLY A 382 6.39 4.21 -1.73
CA GLY A 382 5.76 4.26 -0.42
C GLY A 382 5.39 5.65 0.07
N PHE A 383 5.83 6.71 -0.59
CA PHE A 383 5.70 8.05 0.00
C PHE A 383 4.26 8.54 -0.02
N HIS A 384 3.54 8.34 -1.13
CA HIS A 384 2.26 9.02 -1.31
C HIS A 384 1.22 8.53 -0.32
N GLU A 385 1.10 7.20 -0.14
CA GLU A 385 0.13 6.67 0.82
C GLU A 385 0.54 6.98 2.26
N ALA A 386 1.85 7.07 2.53
CA ALA A 386 2.28 7.47 3.87
C ALA A 386 1.83 8.88 4.20
N VAL A 387 1.86 9.77 3.20
CA VAL A 387 1.42 11.15 3.41
C VAL A 387 -0.08 11.19 3.71
N GLY A 388 -0.86 10.38 2.97
CA GLY A 388 -2.29 10.32 3.23
C GLY A 388 -2.62 9.74 4.60
N GLU A 389 -1.85 8.73 5.03
CA GLU A 389 -2.18 8.03 6.28
C GLU A 389 -2.01 8.95 7.50
N ILE A 390 -0.93 9.73 7.54
CA ILE A 390 -0.70 10.57 8.71
C ILE A 390 -1.78 11.64 8.86
N MET A 391 -2.49 11.97 7.78
CA MET A 391 -3.61 12.89 7.87
C MET A 391 -4.75 12.28 8.67
N SER A 392 -5.00 10.98 8.49
CA SER A 392 -6.05 10.31 9.26
C SER A 392 -5.64 10.11 10.70
N LEU A 393 -4.33 9.92 10.96
CA LEU A 393 -3.86 9.76 12.32
C LEU A 393 -4.18 10.98 13.16
N SER A 394 -3.86 12.18 12.66
CA SER A 394 -4.12 13.40 13.41
C SER A 394 -5.61 13.68 13.52
N ALA A 395 -6.36 13.44 12.43
CA ALA A 395 -7.77 13.80 12.37
C ALA A 395 -8.64 12.89 13.23
N ALA A 396 -8.15 11.71 13.61
CA ALA A 396 -8.96 10.76 14.36
C ALA A 396 -8.76 10.86 15.86
N THR A 397 -7.75 11.59 16.32
CA THR A 397 -7.49 11.66 17.74
C THR A 397 -8.64 12.36 18.45
N PRO A 398 -9.01 11.91 19.65
CA PRO A 398 -9.95 12.68 20.47
C PRO A 398 -9.60 14.15 20.58
N LYS A 399 -8.30 14.46 20.76
CA LYS A 399 -7.83 15.84 20.79
C LYS A 399 -8.39 16.65 19.63
N HIS A 400 -8.21 16.16 18.40
CA HIS A 400 -8.67 16.89 17.23
C HIS A 400 -10.19 16.87 17.13
N LEU A 401 -10.83 15.76 17.49
CA LEU A 401 -12.28 15.67 17.39
C LEU A 401 -12.97 16.62 18.35
N LYS A 402 -12.32 16.95 19.47
CA LYS A 402 -12.87 17.97 20.37
C LYS A 402 -12.82 19.35 19.72
N SER A 403 -11.70 19.69 19.08
CA SER A 403 -11.51 21.05 18.56
C SER A 403 -12.50 21.40 17.47
N ILE A 404 -13.01 20.40 16.73
CA ILE A 404 -13.97 20.68 15.67
C ILE A 404 -15.38 20.41 16.19
N GLY A 405 -15.50 20.23 17.51
CA GLY A 405 -16.80 20.12 18.13
C GLY A 405 -17.55 18.84 17.84
N LEU A 406 -16.85 17.75 17.55
CA LEU A 406 -17.48 16.45 17.42
C LEU A 406 -17.40 15.61 18.69
N LEU A 407 -16.59 16.04 19.66
CA LEU A 407 -16.61 15.49 21.00
C LEU A 407 -16.87 16.64 21.97
N SER A 408 -17.55 16.30 23.08
CA SER A 408 -17.86 17.32 24.07
C SER A 408 -16.56 17.90 24.65
N PRO A 409 -16.54 19.19 24.99
CA PRO A 409 -15.31 19.80 25.50
C PRO A 409 -14.77 19.16 26.76
N ASP A 410 -15.58 18.41 27.51
CA ASP A 410 -15.15 17.75 28.73
C ASP A 410 -14.77 16.29 28.50
N PHE A 411 -14.79 15.82 27.26
CA PHE A 411 -14.48 14.42 26.97
C PHE A 411 -13.04 14.09 27.35
N GLN A 412 -12.89 13.06 28.18
CA GLN A 412 -11.59 12.48 28.49
C GLN A 412 -11.62 11.00 28.11
N GLU A 413 -10.63 10.58 27.34
CA GLU A 413 -10.52 9.19 26.91
C GLU A 413 -9.86 8.38 28.02
N ASP A 414 -10.53 7.32 28.49
CA ASP A 414 -9.95 6.52 29.55
C ASP A 414 -8.90 5.58 28.98
N ASN A 415 -8.06 5.04 29.89
CA ASN A 415 -6.92 4.24 29.48
C ASN A 415 -7.33 2.88 28.91
N GLU A 416 -8.55 2.42 29.21
CA GLU A 416 -9.03 1.18 28.60
C GLU A 416 -9.49 1.41 27.17
N THR A 417 -10.05 2.59 26.89
CA THR A 417 -10.41 2.92 25.52
C THR A 417 -9.17 3.16 24.67
N GLU A 418 -8.10 3.71 25.28
CA GLU A 418 -6.85 3.89 24.56
C GLU A 418 -6.23 2.55 24.17
N ILE A 419 -6.28 1.57 25.07
CA ILE A 419 -5.69 0.27 24.78
C ILE A 419 -6.49 -0.44 23.69
N ASN A 420 -7.82 -0.29 23.72
CA ASN A 420 -8.64 -0.89 22.66
C ASN A 420 -8.26 -0.34 21.30
N PHE A 421 -8.05 0.98 21.20
CA PHE A 421 -7.74 1.59 19.92
C PHE A 421 -6.36 1.15 19.41
N LEU A 422 -5.36 1.13 20.30
CA LEU A 422 -4.02 0.72 19.89
C LEU A 422 -3.98 -0.74 19.47
N LEU A 423 -4.76 -1.60 20.14
CA LEU A 423 -4.81 -3.01 19.75
C LEU A 423 -5.48 -3.18 18.39
N LYS A 424 -6.58 -2.47 18.15
CA LYS A 424 -7.22 -2.49 16.84
C LYS A 424 -6.28 -1.95 15.77
N GLN A 425 -5.54 -0.89 16.09
CA GLN A 425 -4.51 -0.39 15.17
C GLN A 425 -3.46 -1.45 14.89
N ALA A 426 -3.01 -2.15 15.93
CA ALA A 426 -1.91 -3.11 15.76
C ALA A 426 -2.35 -4.34 14.96
N LEU A 427 -3.61 -4.76 15.11
CA LEU A 427 -4.09 -5.90 14.34
C LEU A 427 -4.00 -5.63 12.84
N THR A 428 -4.22 -4.38 12.44
CA THR A 428 -4.10 -4.04 11.02
C THR A 428 -2.67 -3.68 10.64
N ILE A 429 -2.06 -2.77 11.40
CA ILE A 429 -0.81 -2.16 11.00
C ILE A 429 0.38 -3.08 11.30
N VAL A 430 0.41 -3.65 12.51
CA VAL A 430 1.53 -4.51 12.87
C VAL A 430 1.34 -5.93 12.33
N GLY A 431 0.10 -6.43 12.34
CA GLY A 431 -0.14 -7.79 11.87
C GLY A 431 0.26 -8.03 10.43
N THR A 432 0.16 -6.99 9.58
CA THR A 432 0.49 -7.17 8.17
C THR A 432 1.99 -7.12 7.89
N LEU A 433 2.81 -6.65 8.82
CA LEU A 433 4.23 -6.47 8.50
C LEU A 433 4.95 -7.80 8.34
N PRO A 434 4.83 -8.78 9.24
CA PRO A 434 5.44 -10.09 8.95
C PRO A 434 4.87 -10.73 7.71
N PHE A 435 3.56 -10.61 7.50
CA PHE A 435 2.93 -11.17 6.31
C PHE A 435 3.56 -10.59 5.05
N THR A 436 3.71 -9.27 5.01
CA THR A 436 4.18 -8.56 3.83
C THR A 436 5.65 -8.84 3.56
N TYR A 437 6.49 -8.80 4.60
CA TYR A 437 7.90 -9.08 4.42
C TYR A 437 8.14 -10.51 4.00
N MET A 438 7.41 -11.46 4.61
CA MET A 438 7.65 -12.87 4.31
C MET A 438 7.18 -13.22 2.90
N LEU A 439 6.04 -12.66 2.45
CA LEU A 439 5.59 -12.91 1.09
C LEU A 439 6.59 -12.39 0.07
N GLU A 440 7.05 -11.14 0.26
CA GLU A 440 8.00 -10.57 -0.69
C GLU A 440 9.35 -11.27 -0.61
N LYS A 441 9.76 -11.69 0.59
CA LYS A 441 10.99 -12.46 0.70
C LYS A 441 10.90 -13.75 -0.12
N TRP A 442 9.75 -14.44 -0.06
CA TRP A 442 9.59 -15.66 -0.84
C TRP A 442 9.71 -15.38 -2.34
N ARG A 443 9.03 -14.34 -2.83
CA ARG A 443 9.14 -13.98 -4.24
C ARG A 443 10.57 -13.59 -4.60
N TRP A 444 11.21 -12.77 -3.76
CA TRP A 444 12.59 -12.38 -4.02
C TRP A 444 13.50 -13.58 -4.16
N MET A 445 13.35 -14.57 -3.26
CA MET A 445 14.18 -15.76 -3.31
C MET A 445 13.84 -16.61 -4.53
N VAL A 446 12.56 -16.68 -4.89
CA VAL A 446 12.17 -17.44 -6.08
C VAL A 446 12.81 -16.83 -7.32
N PHE A 447 12.69 -15.51 -7.47
CA PHE A 447 13.29 -14.84 -8.63
C PHE A 447 14.80 -15.02 -8.65
N LYS A 448 15.43 -15.09 -7.48
CA LYS A 448 16.87 -15.30 -7.36
C LYS A 448 17.29 -16.73 -7.70
N GLY A 449 16.34 -17.66 -7.80
CA GLY A 449 16.69 -19.04 -8.02
C GLY A 449 17.10 -19.80 -6.78
N GLU A 450 16.84 -19.23 -5.60
CA GLU A 450 17.22 -19.85 -4.34
C GLU A 450 16.20 -20.89 -3.84
N ILE A 451 14.99 -20.91 -4.40
CA ILE A 451 14.02 -21.94 -4.04
C ILE A 451 13.66 -22.76 -5.27
N PRO A 452 14.12 -24.01 -5.37
CA PRO A 452 13.74 -24.85 -6.51
C PRO A 452 12.24 -25.06 -6.58
N LYS A 453 11.76 -25.33 -7.80
CA LYS A 453 10.33 -25.52 -8.03
C LYS A 453 9.76 -26.63 -7.16
N ASP A 454 10.52 -27.71 -6.96
CA ASP A 454 10.03 -28.82 -6.16
C ASP A 454 10.00 -28.50 -4.66
N GLN A 455 10.42 -27.30 -4.26
CA GLN A 455 10.35 -26.87 -2.87
C GLN A 455 9.58 -25.57 -2.68
N TRP A 456 8.92 -25.08 -3.73
CA TRP A 456 8.22 -23.80 -3.68
C TRP A 456 7.25 -23.74 -2.50
N MET A 457 6.36 -24.72 -2.41
CA MET A 457 5.36 -24.70 -1.35
C MET A 457 5.94 -25.16 -0.03
N LYS A 458 6.92 -26.07 -0.06
CA LYS A 458 7.60 -26.46 1.16
C LYS A 458 8.25 -25.26 1.83
N LYS A 459 8.95 -24.42 1.06
CA LYS A 459 9.60 -23.25 1.63
C LYS A 459 8.60 -22.16 1.99
N TRP A 460 7.53 -22.02 1.19
CA TRP A 460 6.51 -21.04 1.52
C TRP A 460 5.97 -21.26 2.92
N TRP A 461 5.69 -22.51 3.28
CA TRP A 461 5.10 -22.81 4.58
C TRP A 461 6.14 -22.95 5.68
N GLU A 462 7.39 -23.28 5.35
CA GLU A 462 8.45 -23.16 6.35
C GLU A 462 8.64 -21.70 6.75
N MET A 463 8.51 -20.79 5.79
CA MET A 463 8.71 -19.38 6.06
C MET A 463 7.49 -18.76 6.73
N LYS A 464 6.28 -19.22 6.37
CA LYS A 464 5.08 -18.82 7.10
C LYS A 464 5.18 -19.20 8.58
N ARG A 465 5.64 -20.42 8.85
CA ARG A 465 5.75 -20.87 10.24
C ARG A 465 6.83 -20.08 10.98
N GLU A 466 7.99 -19.92 10.35
CA GLU A 466 9.14 -19.32 11.03
C GLU A 466 8.98 -17.82 11.21
N ILE A 467 8.69 -17.09 10.13
CA ILE A 467 8.66 -15.63 10.18
C ILE A 467 7.31 -15.10 10.66
N VAL A 468 6.21 -15.69 10.20
CA VAL A 468 4.88 -15.16 10.46
C VAL A 468 4.20 -15.82 11.66
N GLY A 469 4.67 -16.99 12.11
CA GLY A 469 3.99 -17.71 13.16
C GLY A 469 2.65 -18.26 12.74
N VAL A 470 2.51 -18.67 11.48
CA VAL A 470 1.25 -19.12 10.92
C VAL A 470 1.47 -20.46 10.23
N VAL A 471 0.55 -21.41 10.44
CA VAL A 471 0.72 -22.79 10.00
C VAL A 471 -0.46 -23.20 9.12
N GLU A 472 -0.16 -23.98 8.09
CA GLU A 472 -1.20 -24.46 7.18
C GLU A 472 -2.04 -25.53 7.87
N PRO A 473 -3.37 -25.47 7.78
CA PRO A 473 -4.20 -26.47 8.46
C PRO A 473 -4.23 -27.81 7.75
N VAL A 474 -3.83 -27.85 6.48
CA VAL A 474 -3.67 -29.11 5.74
C VAL A 474 -2.41 -29.03 4.91
N PRO A 475 -1.74 -30.17 4.70
CA PRO A 475 -0.48 -30.16 3.94
C PRO A 475 -0.71 -29.84 2.47
N HIS A 476 0.20 -29.05 1.90
CA HIS A 476 0.12 -28.63 0.49
C HIS A 476 1.40 -29.05 -0.23
N ASP A 477 1.25 -29.92 -1.22
CA ASP A 477 2.39 -30.33 -2.05
C ASP A 477 2.62 -29.29 -3.15
N GLU A 478 3.45 -29.63 -4.13
CA GLU A 478 3.88 -28.65 -5.14
C GLU A 478 2.89 -28.51 -6.29
N THR A 479 1.72 -29.14 -6.22
CA THR A 479 0.66 -28.77 -7.15
C THR A 479 0.00 -27.46 -6.78
N TYR A 480 0.17 -27.00 -5.53
CA TYR A 480 -0.42 -25.76 -5.07
C TYR A 480 0.45 -24.57 -5.46
N CYS A 481 -0.16 -23.38 -5.47
CA CYS A 481 0.57 -22.13 -5.60
C CYS A 481 -0.10 -21.10 -4.70
N ASP A 482 0.00 -21.35 -3.40
CA ASP A 482 -0.65 -20.50 -2.40
C ASP A 482 -0.31 -19.02 -2.52
N PRO A 483 0.94 -18.61 -2.80
CA PRO A 483 1.19 -17.16 -3.00
C PRO A 483 0.30 -16.56 -4.07
N ALA A 484 0.15 -17.24 -5.20
CA ALA A 484 -0.63 -16.74 -6.32
C ALA A 484 -2.12 -16.62 -5.98
N SER A 485 -2.56 -17.23 -4.89
CA SER A 485 -3.95 -17.06 -4.46
C SER A 485 -4.22 -15.68 -3.86
N LEU A 486 -3.21 -14.82 -3.74
CA LEU A 486 -3.40 -13.42 -3.37
C LEU A 486 -3.34 -12.57 -4.64
N PHE A 487 -4.23 -11.57 -4.70
CA PHE A 487 -4.37 -10.75 -5.90
C PHE A 487 -3.03 -10.19 -6.36
N HIS A 488 -2.27 -9.59 -5.44
CA HIS A 488 -1.02 -8.93 -5.80
C HIS A 488 -0.04 -9.86 -6.49
N VAL A 489 -0.05 -11.16 -6.13
CA VAL A 489 0.91 -12.08 -6.72
C VAL A 489 0.45 -12.51 -8.11
N SER A 490 -0.81 -12.92 -8.23
CA SER A 490 -1.31 -13.39 -9.53
C SER A 490 -1.45 -12.24 -10.53
N ASN A 491 -1.52 -11.00 -10.06
CA ASN A 491 -1.65 -9.83 -10.91
C ASN A 491 -0.36 -9.04 -11.02
N ASP A 492 0.77 -9.60 -10.59
CA ASP A 492 2.10 -9.08 -10.93
C ASP A 492 2.35 -7.69 -10.36
N TYR A 493 2.17 -7.57 -9.03
CA TYR A 493 2.41 -6.32 -8.32
C TYR A 493 3.44 -6.57 -7.22
N SER A 494 4.44 -5.70 -7.14
CA SER A 494 5.37 -5.74 -6.02
C SER A 494 4.61 -5.45 -4.72
N PHE A 495 5.12 -6.00 -3.63
CA PHE A 495 4.41 -5.99 -2.36
C PHE A 495 5.11 -5.21 -1.26
N ILE A 496 6.44 -5.02 -1.34
CA ILE A 496 7.18 -4.45 -0.23
C ILE A 496 6.79 -3.01 0.07
N ARG A 497 6.11 -2.34 -0.87
CA ARG A 497 5.60 -1.00 -0.63
C ARG A 497 4.70 -0.93 0.59
N TYR A 498 3.98 -2.00 0.92
CA TYR A 498 3.12 -1.96 2.09
C TYR A 498 3.93 -2.03 3.38
N TYR A 499 5.16 -2.54 3.32
CA TYR A 499 6.06 -2.53 4.46
C TYR A 499 6.73 -1.16 4.61
N THR A 500 7.34 -0.65 3.54
CA THR A 500 8.05 0.61 3.61
C THR A 500 7.11 1.77 3.90
N ARG A 501 5.95 1.81 3.24
CA ARG A 501 4.97 2.86 3.50
C ARG A 501 4.58 2.88 4.97
N THR A 502 4.38 1.71 5.58
CA THR A 502 3.97 1.65 6.98
C THR A 502 5.02 2.25 7.90
N LEU A 503 6.29 1.92 7.68
CA LEU A 503 7.35 2.50 8.50
C LEU A 503 7.50 3.99 8.21
N TYR A 504 7.37 4.40 6.94
CA TYR A 504 7.49 5.82 6.60
C TYR A 504 6.47 6.67 7.36
N GLN A 505 5.23 6.19 7.42
CA GLN A 505 4.16 7.03 7.97
C GLN A 505 4.38 7.33 9.45
N PHE A 506 4.96 6.41 10.21
CA PHE A 506 5.25 6.72 11.60
C PHE A 506 6.54 7.50 11.76
N GLN A 507 7.46 7.38 10.80
CA GLN A 507 8.59 8.30 10.75
C GLN A 507 8.13 9.72 10.52
N PHE A 508 7.23 9.91 9.54
CA PHE A 508 6.69 11.24 9.28
C PHE A 508 6.00 11.80 10.51
N GLN A 509 5.06 11.03 11.08
CA GLN A 509 4.23 11.55 12.17
C GLN A 509 5.07 11.93 13.39
N GLU A 510 6.05 11.08 13.75
CA GLU A 510 6.86 11.40 14.93
C GLU A 510 7.65 12.69 14.72
N ALA A 511 8.22 12.87 13.53
CA ALA A 511 8.97 14.09 13.25
C ALA A 511 8.05 15.31 13.25
N LEU A 512 6.88 15.19 12.64
CA LEU A 512 5.94 16.31 12.63
C LEU A 512 5.45 16.63 14.03
N CYS A 513 5.27 15.60 14.86
CA CYS A 513 4.77 15.84 16.21
C CYS A 513 5.84 16.39 17.12
N GLN A 514 7.11 16.04 16.90
CA GLN A 514 8.20 16.69 17.62
C GLN A 514 8.34 18.15 17.19
N ALA A 515 8.20 18.42 15.90
CA ALA A 515 8.24 19.81 15.42
C ALA A 515 7.12 20.62 16.04
N ALA A 516 5.93 20.03 16.17
CA ALA A 516 4.82 20.69 16.85
C ALA A 516 4.99 20.69 18.37
N LYS A 517 6.09 20.14 18.87
CA LYS A 517 6.37 20.04 20.31
C LYS A 517 5.18 19.41 21.06
N HIS A 518 4.88 18.17 20.68
CA HIS A 518 3.74 17.46 21.23
C HIS A 518 4.09 16.80 22.56
N GLU A 519 3.13 16.82 23.48
CA GLU A 519 3.30 16.25 24.80
C GLU A 519 2.45 14.99 24.96
N GLY A 520 3.05 13.94 25.51
CA GLY A 520 2.33 12.73 25.81
C GLY A 520 2.61 11.62 24.82
N PRO A 521 1.77 10.58 24.84
CA PRO A 521 1.96 9.46 23.90
C PRO A 521 1.84 9.92 22.45
N LEU A 522 2.70 9.35 21.60
CA LEU A 522 2.73 9.73 20.19
C LEU A 522 1.37 9.51 19.51
N HIS A 523 0.63 8.47 19.92
CA HIS A 523 -0.62 8.16 19.26
C HIS A 523 -1.72 9.20 19.51
N LYS A 524 -1.54 10.09 20.49
CA LYS A 524 -2.52 11.12 20.77
C LYS A 524 -2.21 12.44 20.09
N CYS A 525 -1.24 12.47 19.19
CA CYS A 525 -0.76 13.72 18.62
C CYS A 525 -1.67 14.22 17.51
N ASP A 526 -1.85 15.53 17.46
CA ASP A 526 -2.58 16.19 16.39
C ASP A 526 -1.76 17.39 15.93
N ILE A 527 -1.35 17.38 14.66
CA ILE A 527 -0.40 18.37 14.16
C ILE A 527 -1.13 19.65 13.76
N SER A 528 -2.43 19.73 14.05
CA SER A 528 -3.20 20.92 13.68
C SER A 528 -2.63 22.16 14.34
N ASN A 529 -2.69 23.29 13.62
CA ASN A 529 -2.23 24.60 14.06
C ASN A 529 -0.73 24.65 14.31
N SER A 530 0.03 23.74 13.70
CA SER A 530 1.49 23.75 13.78
C SER A 530 2.03 24.10 12.39
N THR A 531 2.52 25.33 12.24
CA THR A 531 3.13 25.72 10.97
C THR A 531 4.53 25.14 10.81
N GLU A 532 5.20 24.82 11.92
CA GLU A 532 6.51 24.18 11.83
C GLU A 532 6.41 22.77 11.26
N ALA A 533 5.39 22.02 11.67
CA ALA A 533 5.20 20.68 11.13
C ALA A 533 4.80 20.76 9.66
N GLY A 534 3.96 21.72 9.29
CA GLY A 534 3.58 21.88 7.89
C GLY A 534 4.75 22.30 7.02
N GLN A 535 5.66 23.12 7.57
CA GLN A 535 6.84 23.50 6.80
C GLN A 535 7.81 22.33 6.64
N LYS A 536 7.99 21.54 7.70
CA LYS A 536 8.81 20.34 7.62
C LYS A 536 8.27 19.37 6.58
N LEU A 537 6.95 19.14 6.60
CA LEU A 537 6.35 18.24 5.63
C LEU A 537 6.44 18.82 4.22
N PHE A 538 6.18 20.12 4.07
CA PHE A 538 6.17 20.73 2.75
C PHE A 538 7.56 20.74 2.12
N ASN A 539 8.61 20.77 2.94
CA ASN A 539 9.97 20.72 2.40
C ASN A 539 10.26 19.41 1.69
N MET A 540 9.50 18.36 1.97
CA MET A 540 9.60 17.11 1.22
C MET A 540 8.55 17.00 0.12
N LEU A 541 7.34 17.51 0.38
CA LEU A 541 6.26 17.39 -0.59
C LEU A 541 6.63 18.06 -1.91
N ARG A 542 7.24 19.24 -1.86
CA ARG A 542 7.52 20.00 -3.07
C ARG A 542 8.65 19.38 -3.90
N LEU A 543 9.37 18.40 -3.35
CA LEU A 543 10.46 17.79 -4.10
C LEU A 543 9.95 16.85 -5.20
N GLY A 544 8.73 16.35 -5.09
CA GLY A 544 8.31 15.29 -5.99
C GLY A 544 9.32 14.17 -5.94
N LYS A 545 9.73 13.66 -7.09
CA LYS A 545 10.87 12.75 -7.13
C LYS A 545 12.04 13.36 -7.90
N SER A 546 12.27 14.66 -7.69
CA SER A 546 13.42 15.33 -8.26
C SER A 546 14.70 15.06 -7.46
N GLU A 547 14.57 14.63 -6.22
CA GLU A 547 15.70 14.33 -5.34
C GLU A 547 15.64 12.87 -4.92
N PRO A 548 16.76 12.30 -4.50
CA PRO A 548 16.73 10.95 -3.94
C PRO A 548 15.69 10.85 -2.82
N TRP A 549 14.98 9.72 -2.77
CA TRP A 549 14.03 9.53 -1.68
C TRP A 549 14.72 9.62 -0.33
N THR A 550 15.99 9.23 -0.26
CA THR A 550 16.74 9.36 1.00
C THR A 550 16.83 10.81 1.45
N LEU A 551 17.04 11.73 0.50
CA LEU A 551 17.06 13.15 0.84
C LEU A 551 15.67 13.66 1.21
N ALA A 552 14.65 13.21 0.48
CA ALA A 552 13.28 13.66 0.78
C ALA A 552 12.85 13.21 2.17
N LEU A 553 13.26 12.00 2.57
CA LEU A 553 12.97 11.53 3.92
C LEU A 553 13.72 12.37 4.95
N GLU A 554 14.98 12.72 4.66
CA GLU A 554 15.76 13.53 5.59
C GLU A 554 15.15 14.92 5.76
N ASN A 555 14.49 15.44 4.72
CA ASN A 555 13.85 16.74 4.83
C ASN A 555 12.73 16.75 5.87
N VAL A 556 12.11 15.60 6.12
CA VAL A 556 11.03 15.50 7.11
C VAL A 556 11.54 15.11 8.49
N VAL A 557 12.36 14.06 8.54
CA VAL A 557 12.65 13.39 9.81
C VAL A 557 14.10 13.52 10.24
N GLY A 558 14.97 14.10 9.40
CA GLY A 558 16.34 14.34 9.81
C GLY A 558 17.27 13.15 9.69
N ALA A 559 16.82 12.05 9.10
CA ALA A 559 17.69 10.91 8.85
C ALA A 559 17.39 10.38 7.45
N LYS A 560 18.36 9.64 6.91
CA LYS A 560 18.34 9.25 5.51
C LYS A 560 17.65 7.91 5.24
N ASN A 561 17.37 7.11 6.26
CA ASN A 561 16.97 5.73 6.01
C ASN A 561 15.68 5.40 6.73
N MET A 562 15.01 4.37 6.19
CA MET A 562 13.91 3.70 6.88
C MET A 562 14.28 3.38 8.32
N ASN A 563 13.34 3.64 9.22
CA ASN A 563 13.55 3.44 10.65
C ASN A 563 12.25 2.98 11.28
N VAL A 564 12.28 1.84 11.98
CA VAL A 564 11.08 1.30 12.61
C VAL A 564 10.89 1.78 14.04
N ARG A 565 11.89 2.42 14.64
CA ARG A 565 11.74 2.90 16.02
C ARG A 565 10.54 3.81 16.21
N PRO A 566 10.20 4.74 15.30
CA PRO A 566 8.98 5.53 15.50
C PRO A 566 7.70 4.70 15.54
N LEU A 567 7.57 3.68 14.71
CA LEU A 567 6.42 2.80 14.82
C LEU A 567 6.41 2.11 16.19
N LEU A 568 7.56 1.65 16.65
CA LEU A 568 7.61 1.02 17.96
C LEU A 568 7.21 2.00 19.06
N ASN A 569 7.58 3.28 18.89
CA ASN A 569 7.17 4.29 19.87
C ASN A 569 5.67 4.50 19.87
N TYR A 570 5.07 4.55 18.68
CA TYR A 570 3.62 4.74 18.59
C TYR A 570 2.87 3.64 19.34
N PHE A 571 3.38 2.41 19.30
CA PHE A 571 2.72 1.27 19.93
C PHE A 571 3.29 0.94 21.31
N GLU A 572 4.18 1.78 21.84
CA GLU A 572 4.77 1.50 23.15
C GLU A 572 3.74 1.31 24.26
N PRO A 573 2.67 2.12 24.38
CA PRO A 573 1.69 1.84 25.43
C PRO A 573 1.06 0.45 25.28
N LEU A 574 0.80 0.01 24.05
CA LEU A 574 0.25 -1.33 23.85
C LEU A 574 1.29 -2.40 24.16
N PHE A 575 2.54 -2.18 23.74
CA PHE A 575 3.60 -3.13 24.03
C PHE A 575 3.74 -3.38 25.53
N THR A 576 3.75 -2.31 26.32
CA THR A 576 3.83 -2.46 27.77
C THR A 576 2.65 -3.27 28.30
N TRP A 577 1.44 -2.96 27.84
CA TRP A 577 0.26 -3.68 28.30
C TRP A 577 0.30 -5.14 27.88
N LEU A 578 0.79 -5.43 26.68
CA LEU A 578 0.83 -6.81 26.18
C LEU A 578 1.80 -7.67 26.99
N LYS A 579 2.97 -7.11 27.33
CA LYS A 579 3.94 -7.87 28.12
C LYS A 579 3.35 -8.29 29.46
N ASP A 580 2.54 -7.41 30.07
CA ASP A 580 1.90 -7.76 31.33
C ASP A 580 0.81 -8.81 31.11
N GLN A 581 0.02 -8.66 30.05
CA GLN A 581 -1.00 -9.67 29.74
C GLN A 581 -0.38 -11.04 29.53
N ASN A 582 0.81 -11.09 28.92
CA ASN A 582 1.43 -12.34 28.50
C ASN A 582 2.32 -12.97 29.56
N LYS A 583 2.34 -12.43 30.80
CA LYS A 583 3.32 -12.86 31.78
C LYS A 583 3.13 -14.33 32.18
N ASN A 584 1.95 -14.91 31.93
CA ASN A 584 1.73 -16.33 32.19
C ASN A 584 1.48 -17.11 30.90
N SER A 585 1.83 -16.54 29.75
CA SER A 585 1.70 -17.22 28.47
C SER A 585 3.08 -17.40 27.84
N PHE A 586 3.17 -18.38 26.94
CA PHE A 586 4.34 -18.47 26.08
C PHE A 586 4.31 -17.34 25.06
N VAL A 587 5.49 -16.78 24.78
CA VAL A 587 5.64 -15.71 23.82
C VAL A 587 6.57 -16.22 22.72
N GLY A 588 6.08 -16.24 21.49
CA GLY A 588 6.74 -16.96 20.42
C GLY A 588 6.04 -18.27 20.15
N TRP A 589 6.64 -19.05 19.26
CA TRP A 589 5.98 -20.26 18.78
C TRP A 589 7.02 -21.30 18.36
N SER A 590 6.64 -22.56 18.52
CA SER A 590 7.35 -23.68 17.91
C SER A 590 6.77 -23.95 16.52
N THR A 591 7.64 -24.05 15.52
CA THR A 591 7.19 -24.38 14.16
C THR A 591 6.86 -25.86 13.98
N ASP A 592 6.88 -26.67 15.05
CA ASP A 592 6.67 -28.11 14.92
C ASP A 592 5.20 -28.51 14.95
N TRP A 593 4.35 -27.75 15.62
CA TRP A 593 2.94 -28.09 15.70
C TRP A 593 2.22 -27.73 14.41
N SER A 594 1.23 -28.55 14.06
CA SER A 594 0.31 -28.23 12.97
C SER A 594 -1.04 -28.82 13.31
N PRO A 595 -2.12 -28.25 12.77
CA PRO A 595 -3.46 -28.82 13.01
C PRO A 595 -3.62 -30.26 12.55
N TYR A 596 -2.78 -30.73 11.61
CA TYR A 596 -2.99 -32.03 11.00
C TYR A 596 -1.96 -33.08 11.38
N ALA A 597 -0.79 -32.66 11.87
CA ALA A 597 0.26 -33.60 12.20
C ALA A 597 0.52 -33.61 13.71
C ACE B 1 -9.00 4.71 -16.21
O ACE B 1 -9.45 5.79 -15.82
CH3 ACE B 1 -9.86 3.69 -16.91
N TYR B 2 -7.72 4.39 -16.03
CA TYR B 2 -6.77 5.29 -15.36
C TYR B 2 -5.50 5.54 -16.17
N VAL B 3 -4.97 6.77 -16.08
CA VAL B 3 -3.70 7.14 -16.74
C VAL B 3 -2.77 7.76 -15.71
N PHE B 4 -1.48 7.45 -15.83
CA PHE B 4 -0.49 7.82 -14.82
C PHE B 4 0.71 8.49 -15.46
N ARG B 5 1.42 9.28 -14.65
CA ARG B 5 2.71 9.88 -15.02
C ARG B 5 3.84 8.85 -14.81
N SER B 6 3.67 7.70 -15.43
CA SER B 6 4.60 6.58 -15.31
C SER B 6 4.80 5.97 -16.68
N LEU B 7 6.02 5.50 -16.93
CA LEU B 7 6.29 4.81 -18.19
C LEU B 7 6.04 3.32 -18.10
N ARG B 8 6.19 2.72 -16.92
CA ARG B 8 5.90 1.30 -16.76
C ARG B 8 4.41 1.02 -16.92
N THR B 9 3.59 1.66 -16.08
CA THR B 9 2.13 1.51 -16.12
C THR B 9 1.51 2.88 -16.33
N PRO B 10 1.50 3.39 -17.57
CA PRO B 10 0.79 4.65 -17.85
C PRO B 10 -0.71 4.48 -18.02
N PHE B 11 -1.20 3.26 -18.20
CA PHE B 11 -2.59 3.04 -18.57
C PHE B 11 -3.15 1.82 -17.86
N ILE B 12 -4.35 1.98 -17.30
CA ILE B 12 -5.16 0.88 -16.78
C ILE B 12 -6.59 1.12 -17.21
N VAL B 13 -7.27 0.08 -17.68
CA VAL B 13 -8.69 0.17 -18.03
C VAL B 13 -9.54 -0.57 -17.01
C1 NAG C . 19.94 21.15 -14.73
C2 NAG C . 20.63 22.17 -13.81
C3 NAG C . 19.59 23.05 -13.12
C4 NAG C . 18.66 23.68 -14.15
C5 NAG C . 18.04 22.60 -15.01
C6 NAG C . 17.16 23.14 -16.12
C7 NAG C . 22.40 22.11 -12.08
C8 NAG C . 23.16 21.22 -11.14
N2 NAG C . 21.47 21.49 -12.83
O3 NAG C . 20.23 24.07 -12.35
O4 NAG C . 17.64 24.44 -13.51
O5 NAG C . 19.08 21.83 -15.66
O6 NAG C . 16.58 22.09 -16.88
O7 NAG C . 22.59 23.31 -12.15
C1 NAG D . -6.66 25.96 15.98
C2 NAG D . -7.57 25.14 16.88
C3 NAG D . -9.01 25.66 16.79
C4 NAG D . -9.06 27.15 17.09
C5 NAG D . -8.09 27.90 16.18
C6 NAG D . -8.00 29.38 16.50
C7 NAG D . -6.74 22.85 17.23
C8 NAG D . -6.81 21.43 16.77
N2 NAG D . -7.51 23.72 16.57
O3 NAG D . -9.83 24.94 17.70
O4 NAG D . -10.37 27.64 16.89
O5 NAG D . -6.76 27.36 16.31
O6 NAG D . -7.52 29.60 17.82
O7 NAG D . -6.01 23.21 18.15
C1 NAG E . 17.09 -0.43 -25.06
C2 NAG E . 18.41 -0.09 -24.37
C3 NAG E . 19.43 0.41 -25.40
C4 NAG E . 19.58 -0.60 -26.52
C5 NAG E . 18.22 -0.92 -27.13
C6 NAG E . 18.29 -2.00 -28.19
C7 NAG E . 18.44 0.66 -22.03
C8 NAG E . 18.17 1.81 -21.10
N2 NAG E . 18.20 0.91 -23.33
O3 NAG E . 20.68 0.63 -24.75
O4 NAG E . 20.46 -0.10 -27.53
O5 NAG E . 17.33 -1.38 -26.11
O6 NAG E . 18.61 -3.26 -27.61
O7 NAG E . 18.84 -0.42 -21.64
ZN ZN F . -4.18 6.92 -0.42
CL CL G . -1.33 -18.87 1.86
#